data_3WWH
#
_entry.id   3WWH
#
_cell.length_a   80.620
_cell.length_b   80.620
_cell.length_c   93.880
_cell.angle_alpha   90.00
_cell.angle_beta   90.00
_cell.angle_gamma   90.00
#
_symmetry.space_group_name_H-M   'P 42 21 2'
#
loop_
_entity.id
_entity.type
_entity.pdbx_description
1 polymer '(R)-amine transaminase'
2 non-polymer "PYRIDOXAL-5'-PHOSPHATE"
3 non-polymer GLYCEROL
4 water water
#
_entity_poly.entity_id   1
_entity_poly.type   'polypeptide(L)'
_entity_poly.pdbx_seq_one_letter_code
;MAFSADTSEIVYTHDTGLDYITYSDYELDPANPLAGGAAWIEGAFVPPSEARISIFDQGYLHSDVTYTVFHVWNGNAFRL
DDHIERLFSNAESMRIIPPLTQDEVKEIALELVAKTELREAFVSVSITRGYSSTPGERDITKHRPQVYMYAVPYQWIVPF
DRIRDGVHAMVAQSVRRTPRSSIDPQVKNFQWGDLIRAVQETHDRGFEAPLLLDGDGLLAEGSGFNVVVIKDGVVRSPGR
AALPGITRKTVLEIAESLGHEAILADITLAELLDADEVLGCTTAGGVWPFVSVDGNPISDGVPGPITQSIIRRYWELNVE
SSSLLTPVQY
;
_entity_poly.pdbx_strand_id   A
#
loop_
_chem_comp.id
_chem_comp.type
_chem_comp.name
_chem_comp.formula
GOL non-polymer GLYCEROL 'C3 H8 O3'
PLP non-polymer PYRIDOXAL-5'-PHOSPHATE 'C8 H10 N O6 P'
#
# COMPACT_ATOMS: atom_id res chain seq x y z
N ALA A 2 22.36 -6.02 -10.90
CA ALA A 2 20.91 -6.00 -10.54
C ALA A 2 20.21 -4.81 -11.21
N PHE A 3 19.00 -5.07 -11.74
CA PHE A 3 18.16 -4.02 -12.33
C PHE A 3 18.88 -3.27 -13.46
N SER A 4 19.34 -4.03 -14.45
CA SER A 4 20.22 -3.53 -15.51
C SER A 4 19.48 -2.98 -16.73
N ALA A 5 18.15 -2.91 -16.67
CA ALA A 5 17.34 -2.50 -17.82
C ALA A 5 17.54 -1.02 -18.19
N ASP A 6 17.90 -0.76 -19.45
CA ASP A 6 17.97 0.60 -20.00
C ASP A 6 16.63 1.31 -19.88
N THR A 7 16.65 2.63 -20.04
CA THR A 7 15.43 3.46 -19.93
C THR A 7 14.33 2.95 -20.88
N SER A 8 14.73 2.52 -22.08
CA SER A 8 13.80 2.02 -23.09
C SER A 8 13.14 0.70 -22.69
N GLU A 9 13.77 -0.03 -21.77
CA GLU A 9 13.29 -1.34 -21.33
C GLU A 9 12.43 -1.25 -20.07
N ILE A 10 12.44 -0.10 -19.41
CA ILE A 10 11.60 0.10 -18.23
C ILE A 10 10.16 0.24 -18.69
N VAL A 11 9.25 -0.53 -18.07
CA VAL A 11 7.83 -0.46 -18.36
C VAL A 11 7.21 0.51 -17.35
N TYR A 12 6.73 1.64 -17.84
CA TYR A 12 6.17 2.69 -16.99
C TYR A 12 4.77 3.17 -17.38
N THR A 13 4.21 2.62 -18.47
CA THR A 13 2.81 2.83 -18.84
C THR A 13 2.16 1.54 -19.32
N HIS A 14 0.83 1.52 -19.29
CA HIS A 14 0.03 0.41 -19.78
C HIS A 14 -1.24 0.95 -20.40
N ASP A 15 -1.76 0.23 -21.39
CA ASP A 15 -3.14 0.37 -21.82
C ASP A 15 -3.99 -0.44 -20.87
N THR A 16 -4.83 0.23 -20.07
CA THR A 16 -5.52 -0.43 -18.97
C THR A 16 -6.81 -1.13 -19.39
N GLY A 17 -7.40 -0.67 -20.49
CA GLY A 17 -8.69 -1.16 -20.93
C GLY A 17 -9.84 -0.69 -20.06
N LEU A 18 -9.56 0.27 -19.17
CA LEU A 18 -10.54 0.81 -18.25
C LEU A 18 -10.57 2.31 -18.46
N ASP A 19 -11.73 2.85 -18.77
CA ASP A 19 -11.86 4.27 -19.11
C ASP A 19 -11.49 5.21 -17.97
N TYR A 20 -11.55 4.73 -16.72
CA TYR A 20 -11.26 5.58 -15.56
C TYR A 20 -9.82 5.46 -15.07
N ILE A 21 -9.01 4.59 -15.69
CA ILE A 21 -7.58 4.55 -15.37
C ILE A 21 -6.76 4.79 -16.63
N THR A 22 -6.10 5.94 -16.68
CA THR A 22 -5.32 6.33 -17.85
C THR A 22 -3.97 6.89 -17.41
N TYR A 23 -2.90 6.27 -17.90
CA TYR A 23 -1.55 6.73 -17.64
C TYR A 23 -1.28 8.02 -18.42
N SER A 24 -0.19 8.71 -18.05
CA SER A 24 0.26 9.87 -18.77
C SER A 24 0.94 9.45 -20.06
N ASP A 25 0.90 10.34 -21.05
CA ASP A 25 1.49 10.11 -22.35
C ASP A 25 2.78 10.93 -22.40
N TYR A 26 3.92 10.24 -22.25
CA TYR A 26 5.24 10.87 -22.19
C TYR A 26 6.36 9.85 -22.36
N GLU A 27 7.56 10.36 -22.63
CA GLU A 27 8.76 9.54 -22.78
C GLU A 27 9.75 9.89 -21.68
N LEU A 28 10.45 8.89 -21.16
CA LEU A 28 11.55 9.09 -20.23
C LEU A 28 12.75 9.62 -21.02
N ASP A 29 13.58 10.45 -20.38
CA ASP A 29 14.79 10.97 -21.00
C ASP A 29 15.90 9.94 -20.83
N PRO A 30 16.38 9.36 -21.94
CA PRO A 30 17.42 8.34 -21.79
C PRO A 30 18.75 8.87 -21.30
N ALA A 31 18.97 10.18 -21.40
CA ALA A 31 20.19 10.78 -20.88
C ALA A 31 20.17 10.97 -19.36
N ASN A 32 19.03 10.72 -18.72
CA ASN A 32 18.92 10.83 -17.27
C ASN A 32 19.04 9.45 -16.65
N PRO A 33 20.15 9.15 -15.93
CA PRO A 33 20.37 7.82 -15.35
C PRO A 33 19.34 7.42 -14.30
N LEU A 34 18.63 8.39 -13.73
CA LEU A 34 17.58 8.14 -12.74
C LEU A 34 16.19 8.02 -13.35
N ALA A 35 16.04 8.29 -14.64
CA ALA A 35 14.76 8.18 -15.30
C ALA A 35 14.19 6.76 -15.14
N GLY A 36 12.94 6.70 -14.69
CA GLY A 36 12.20 5.44 -14.60
C GLY A 36 12.30 4.72 -13.27
N GLY A 37 13.12 5.25 -12.36
CA GLY A 37 13.27 4.65 -11.04
C GLY A 37 14.56 5.06 -10.35
N ALA A 38 14.49 5.30 -9.05
CA ALA A 38 15.64 5.73 -8.28
C ALA A 38 15.35 5.59 -6.80
N ALA A 39 16.39 5.76 -6.00
CA ALA A 39 16.31 5.71 -4.56
C ALA A 39 17.03 6.90 -3.94
N TRP A 40 16.65 7.23 -2.72
CA TRP A 40 17.37 8.22 -1.91
C TRP A 40 17.87 7.48 -0.69
N ILE A 41 19.18 7.36 -0.60
CA ILE A 41 19.82 6.64 0.49
C ILE A 41 21.01 7.42 1.01
N GLU A 42 21.00 7.72 2.30
CA GLU A 42 22.10 8.48 2.92
C GLU A 42 22.49 9.74 2.15
N GLY A 43 21.47 10.48 1.70
CA GLY A 43 21.70 11.78 1.03
C GLY A 43 21.94 11.74 -0.47
N ALA A 44 22.08 10.54 -1.03
CA ALA A 44 22.34 10.39 -2.47
C ALA A 44 21.09 9.90 -3.20
N PHE A 45 20.84 10.50 -4.35
CA PHE A 45 19.89 9.99 -5.32
C PHE A 45 20.64 9.06 -6.29
N VAL A 46 20.22 7.81 -6.37
CA VAL A 46 20.96 6.77 -7.07
C VAL A 46 20.02 5.90 -7.89
N PRO A 47 20.51 5.32 -9.00
CA PRO A 47 19.66 4.39 -9.75
C PRO A 47 19.43 3.10 -8.98
N PRO A 48 18.40 2.34 -9.36
CA PRO A 48 18.10 1.11 -8.60
C PRO A 48 19.25 0.12 -8.51
N SER A 49 20.02 -0.01 -9.58
CA SER A 49 21.24 -0.84 -9.57
C SER A 49 22.24 -0.49 -8.46
N GLU A 50 22.21 0.75 -7.98
CA GLU A 50 23.14 1.20 -6.96
C GLU A 50 22.46 1.48 -5.63
N ALA A 51 21.19 1.09 -5.51
CA ALA A 51 20.38 1.40 -4.34
C ALA A 51 20.55 0.33 -3.27
N ARG A 52 21.43 0.59 -2.31
CA ARG A 52 21.86 -0.42 -1.35
C ARG A 52 21.94 0.20 0.05
N ILE A 53 21.56 -0.58 1.06
CA ILE A 53 21.59 -0.14 2.45
C ILE A 53 22.59 -0.99 3.23
N SER A 54 23.12 -0.46 4.33
CA SER A 54 24.06 -1.22 5.15
C SER A 54 23.43 -2.51 5.63
N ILE A 55 24.14 -3.63 5.49
CA ILE A 55 23.69 -4.90 6.03
C ILE A 55 23.55 -4.85 7.55
N PHE A 56 24.20 -3.88 8.18
CA PHE A 56 24.14 -3.72 9.64
C PHE A 56 23.00 -2.84 10.11
N ASP A 57 22.21 -2.32 9.18
CA ASP A 57 21.03 -1.56 9.54
C ASP A 57 20.05 -2.49 10.27
N GLN A 58 19.57 -2.04 11.41
CA GLN A 58 18.63 -2.83 12.22
C GLN A 58 17.28 -3.01 11.53
N GLY A 59 16.99 -2.15 10.56
CA GLY A 59 15.85 -2.37 9.69
C GLY A 59 15.90 -3.69 8.94
N TYR A 60 17.11 -4.18 8.66
CA TYR A 60 17.31 -5.52 8.13
C TYR A 60 17.44 -6.52 9.29
N LEU A 61 18.43 -6.32 10.16
CA LEU A 61 18.82 -7.36 11.12
C LEU A 61 17.77 -7.71 12.16
N HIS A 62 16.88 -6.77 12.46
CA HIS A 62 15.78 -7.04 13.39
C HIS A 62 14.45 -6.48 12.93
N SER A 63 14.31 -6.27 11.62
CA SER A 63 13.14 -5.61 11.02
C SER A 63 12.64 -4.45 11.89
N ASP A 64 13.58 -3.65 12.36
CA ASP A 64 13.31 -2.58 13.29
C ASP A 64 13.11 -1.32 12.48
N VAL A 65 11.93 -1.24 11.88
CA VAL A 65 11.64 -0.27 10.84
C VAL A 65 10.13 -0.12 10.66
N THR A 66 9.70 1.08 10.29
CA THR A 66 8.33 1.29 9.82
C THR A 66 8.42 1.99 8.47
N TYR A 67 7.30 2.10 7.78
CA TYR A 67 7.31 2.70 6.44
C TYR A 67 5.93 3.13 6.02
N THR A 68 5.88 3.84 4.91
CA THR A 68 4.67 3.98 4.16
C THR A 68 4.96 3.94 2.69
N VAL A 69 3.94 3.66 1.89
CA VAL A 69 4.02 3.80 0.45
C VAL A 69 2.93 4.77 0.01
N PHE A 70 3.33 5.84 -0.67
CA PHE A 70 2.36 6.70 -1.34
C PHE A 70 2.55 6.51 -2.83
N HIS A 71 1.56 6.94 -3.60
CA HIS A 71 1.65 6.85 -5.04
C HIS A 71 1.49 8.22 -5.66
N VAL A 72 1.96 8.31 -6.89
CA VAL A 72 1.81 9.46 -7.74
C VAL A 72 1.00 9.02 -8.94
N TRP A 73 0.01 9.83 -9.32
CA TRP A 73 -0.83 9.55 -10.48
C TRP A 73 -1.00 10.81 -11.30
N ASN A 74 -0.76 10.71 -12.61
CA ASN A 74 -0.81 11.88 -13.49
C ASN A 74 -0.05 13.08 -12.90
N GLY A 75 1.14 12.80 -12.34
CA GLY A 75 2.04 13.83 -11.84
C GLY A 75 1.74 14.43 -10.47
N ASN A 76 0.77 13.85 -9.76
CA ASN A 76 0.37 14.33 -8.44
C ASN A 76 0.48 13.21 -7.42
N ALA A 77 1.13 13.49 -6.30
CA ALA A 77 1.14 12.58 -5.16
C ALA A 77 -0.25 12.60 -4.56
N PHE A 78 -0.70 11.43 -4.12
CA PHE A 78 -2.02 11.25 -3.55
C PHE A 78 -1.97 11.10 -2.03
N ARG A 79 -2.60 12.07 -1.34
CA ARG A 79 -2.68 12.10 0.13
C ARG A 79 -1.31 11.99 0.80
N LEU A 80 -0.36 12.76 0.29
CA LEU A 80 1.00 12.73 0.83
C LEU A 80 1.04 13.17 2.30
N ASP A 81 0.29 14.22 2.66
CA ASP A 81 0.31 14.68 4.04
C ASP A 81 -0.15 13.56 4.99
N ASP A 82 -1.25 12.88 4.63
CA ASP A 82 -1.78 11.78 5.44
C ASP A 82 -0.73 10.67 5.58
N HIS A 83 -0.05 10.36 4.50
CA HIS A 83 0.96 9.31 4.51
C HIS A 83 2.12 9.59 5.43
N ILE A 84 2.69 10.79 5.32
CA ILE A 84 3.84 11.14 6.15
C ILE A 84 3.41 11.32 7.62
N GLU A 85 2.19 11.81 7.85
CA GLU A 85 1.66 11.87 9.20
C GLU A 85 1.59 10.46 9.81
N ARG A 86 1.10 9.50 9.04
CA ARG A 86 1.01 8.12 9.53
C ARG A 86 2.38 7.51 9.77
N LEU A 87 3.30 7.74 8.83
CA LEU A 87 4.65 7.23 8.96
C LEU A 87 5.28 7.71 10.26
N PHE A 88 5.12 8.99 10.57
CA PHE A 88 5.73 9.57 11.77
C PHE A 88 5.06 9.09 13.04
N SER A 89 3.74 8.89 12.99
CA SER A 89 3.00 8.31 14.11
C SER A 89 3.51 6.88 14.39
N ASN A 90 3.71 6.14 13.30
CA ASN A 90 4.20 4.77 13.39
C ASN A 90 5.63 4.71 13.94
N ALA A 91 6.49 5.64 13.50
CA ALA A 91 7.83 5.72 14.06
C ALA A 91 7.77 5.95 15.57
N GLU A 92 6.93 6.89 15.98
CA GLU A 92 6.77 7.22 17.40
C GLU A 92 6.29 6.01 18.19
N SER A 93 5.37 5.23 17.62
CA SER A 93 4.92 3.99 18.27
C SER A 93 6.05 3.01 18.56
N MET A 94 7.07 3.00 17.71
CA MET A 94 8.25 2.13 17.86
C MET A 94 9.40 2.80 18.62
N ARG A 95 9.18 4.06 19.02
CA ARG A 95 10.17 4.89 19.72
C ARG A 95 11.37 5.18 18.81
N ILE A 96 11.14 5.17 17.50
CA ILE A 96 12.14 5.61 16.54
C ILE A 96 11.93 7.10 16.35
N ILE A 97 13.00 7.87 16.49
CA ILE A 97 12.95 9.32 16.32
C ILE A 97 13.48 9.65 14.92
N PRO A 98 12.60 10.04 13.99
CA PRO A 98 13.11 10.28 12.65
C PRO A 98 14.20 11.37 12.61
N PRO A 99 15.25 11.17 11.80
CA PRO A 99 16.33 12.14 11.69
C PRO A 99 15.98 13.34 10.79
N LEU A 100 14.79 13.32 10.21
CA LEU A 100 14.29 14.41 9.37
C LEU A 100 12.89 14.77 9.83
N THR A 101 12.47 16.00 9.57
CA THR A 101 11.09 16.41 9.84
C THR A 101 10.15 15.90 8.75
N GLN A 102 8.86 15.97 9.03
CA GLN A 102 7.85 15.60 8.04
C GLN A 102 8.02 16.42 6.76
N ASP A 103 8.27 17.72 6.92
CA ASP A 103 8.42 18.60 5.76
C ASP A 103 9.66 18.26 4.95
N GLU A 104 10.74 17.93 5.64
CA GLU A 104 11.98 17.49 4.98
C GLU A 104 11.77 16.18 4.22
N VAL A 105 11.01 15.26 4.82
CA VAL A 105 10.73 13.98 4.16
C VAL A 105 9.93 14.19 2.88
N LYS A 106 8.89 15.02 2.95
CA LYS A 106 8.07 15.33 1.78
C LYS A 106 8.88 16.01 0.69
N GLU A 107 9.73 16.94 1.09
CA GLU A 107 10.62 17.64 0.14
C GLU A 107 11.48 16.66 -0.66
N ILE A 108 12.15 15.76 0.06
CA ILE A 108 13.04 14.80 -0.58
C ILE A 108 12.26 13.81 -1.45
N ALA A 109 11.14 13.31 -0.92
CA ALA A 109 10.33 12.34 -1.66
C ALA A 109 9.84 12.89 -2.99
N LEU A 110 9.35 14.13 -2.98
CA LEU A 110 8.87 14.77 -4.20
C LEU A 110 9.99 15.04 -5.18
N GLU A 111 11.17 15.41 -4.68
CA GLU A 111 12.34 15.61 -5.54
C GLU A 111 12.79 14.27 -6.16
N LEU A 112 12.75 13.22 -5.37
CA LEU A 112 13.08 11.89 -5.87
C LEU A 112 12.17 11.53 -7.05
N VAL A 113 10.87 11.73 -6.90
CA VAL A 113 9.94 11.40 -7.98
C VAL A 113 10.25 12.27 -9.20
N ALA A 114 10.45 13.57 -8.99
CA ALA A 114 10.86 14.45 -10.09
C ALA A 114 12.06 13.91 -10.87
N LYS A 115 13.10 13.44 -10.16
CA LYS A 115 14.30 12.91 -10.85
C LYS A 115 14.03 11.66 -11.67
N THR A 116 13.08 10.82 -11.22
CA THR A 116 12.69 9.61 -11.97
C THR A 116 11.86 9.94 -13.22
N GLU A 117 11.28 11.13 -13.24
CA GLU A 117 10.37 11.57 -14.32
C GLU A 117 9.05 10.82 -14.36
N LEU A 118 8.83 9.92 -13.40
CA LEU A 118 7.63 9.10 -13.40
C LEU A 118 6.40 9.91 -13.04
N ARG A 119 5.41 9.89 -13.93
CA ARG A 119 4.12 10.53 -13.69
C ARG A 119 3.16 9.62 -12.92
N GLU A 120 3.38 8.32 -13.01
CA GLU A 120 2.67 7.33 -12.22
C GLU A 120 3.72 6.50 -11.48
N ALA A 121 3.71 6.59 -10.15
CA ALA A 121 4.79 6.01 -9.36
C ALA A 121 4.30 5.37 -8.08
N PHE A 122 5.10 4.41 -7.60
CA PHE A 122 5.00 3.77 -6.28
C PHE A 122 6.21 4.30 -5.50
N VAL A 123 5.97 4.90 -4.35
CA VAL A 123 7.04 5.55 -3.60
C VAL A 123 7.08 5.05 -2.17
N SER A 124 8.14 4.31 -1.82
CA SER A 124 8.32 3.77 -0.48
C SER A 124 9.21 4.70 0.34
N VAL A 125 8.77 5.04 1.55
CA VAL A 125 9.59 5.78 2.52
C VAL A 125 9.67 4.95 3.80
N SER A 126 10.86 4.49 4.14
CA SER A 126 11.03 3.70 5.36
C SER A 126 11.94 4.44 6.34
N ILE A 127 11.69 4.23 7.62
CA ILE A 127 12.48 4.81 8.68
C ILE A 127 12.92 3.70 9.62
N THR A 128 14.22 3.46 9.70
CA THR A 128 14.79 2.37 10.50
C THR A 128 15.46 2.86 11.79
N ARG A 129 15.62 1.94 12.73
CA ARG A 129 16.43 2.19 13.92
C ARG A 129 17.87 2.52 13.53
N GLY A 130 18.29 2.04 12.36
CA GLY A 130 19.61 2.41 11.81
C GLY A 130 20.74 1.54 12.30
N TYR A 131 21.92 2.14 12.47
CA TYR A 131 23.10 1.43 12.92
C TYR A 131 24.03 2.35 13.72
N SER A 132 25.00 1.74 14.40
CA SER A 132 25.88 2.45 15.35
C SER A 132 27.26 2.65 14.74
N SER A 133 28.19 3.16 15.55
CA SER A 133 29.57 3.41 15.12
C SER A 133 30.33 2.14 14.77
N THR A 134 29.91 1.01 15.35
CA THR A 134 30.54 -0.28 15.10
C THR A 134 29.52 -1.23 14.51
N PRO A 135 29.96 -2.15 13.63
CA PRO A 135 28.99 -3.02 12.94
C PRO A 135 28.28 -4.06 13.80
N GLY A 136 28.94 -4.50 14.88
CA GLY A 136 28.35 -5.51 15.75
C GLY A 136 27.69 -5.00 17.02
N GLU A 137 27.37 -3.71 17.07
CA GLU A 137 26.73 -3.11 18.25
C GLU A 137 25.40 -3.80 18.56
N ARG A 138 25.18 -4.12 19.83
CA ARG A 138 23.95 -4.79 20.29
C ARG A 138 22.97 -3.89 21.05
N ASP A 139 23.45 -2.79 21.60
CA ASP A 139 22.61 -1.88 22.36
C ASP A 139 21.66 -1.15 21.42
N ILE A 140 20.36 -1.48 21.52
CA ILE A 140 19.34 -0.88 20.66
C ILE A 140 19.29 0.65 20.77
N THR A 141 19.74 1.20 21.90
CA THR A 141 19.67 2.64 22.14
C THR A 141 20.82 3.42 21.51
N LYS A 142 21.84 2.73 21.00
CA LYS A 142 23.03 3.39 20.43
C LYS A 142 22.93 3.62 18.91
N HIS A 143 22.02 2.90 18.24
CA HIS A 143 21.87 3.04 16.79
C HIS A 143 21.31 4.41 16.44
N ARG A 144 21.75 4.95 15.30
CA ARG A 144 21.25 6.22 14.78
C ARG A 144 20.36 5.98 13.56
N PRO A 145 19.12 6.50 13.60
CA PRO A 145 18.10 6.09 12.62
C PRO A 145 18.35 6.60 11.22
N GLN A 146 17.78 5.89 10.24
CA GLN A 146 17.93 6.21 8.82
C GLN A 146 16.58 6.34 8.14
N VAL A 147 16.53 7.21 7.13
CA VAL A 147 15.39 7.28 6.22
C VAL A 147 15.84 6.79 4.85
N TYR A 148 15.11 5.85 4.28
CA TYR A 148 15.39 5.34 2.95
C TYR A 148 14.15 5.52 2.08
N MET A 149 14.35 5.95 0.83
CA MET A 149 13.24 6.09 -0.10
C MET A 149 13.55 5.45 -1.44
N TYR A 150 12.51 4.96 -2.12
CA TYR A 150 12.61 4.61 -3.54
C TYR A 150 11.31 4.95 -4.27
N ALA A 151 11.47 5.31 -5.54
CA ALA A 151 10.34 5.61 -6.44
C ALA A 151 10.50 4.77 -7.70
N VAL A 152 9.51 3.94 -7.97
CA VAL A 152 9.53 3.04 -9.13
C VAL A 152 8.16 3.10 -9.81
N PRO A 153 8.03 2.47 -10.99
CA PRO A 153 6.74 2.55 -11.68
C PRO A 153 5.59 2.06 -10.80
N TYR A 154 4.40 2.63 -10.99
CA TYR A 154 3.23 2.24 -10.21
C TYR A 154 3.05 0.73 -10.29
N GLN A 155 2.78 0.12 -9.13
CA GLN A 155 2.63 -1.35 -9.01
C GLN A 155 1.16 -1.70 -8.78
N TRP A 156 0.71 -2.77 -9.43
CA TRP A 156 -0.69 -3.24 -9.34
C TRP A 156 -0.79 -4.58 -8.61
N ILE A 157 -1.40 -4.56 -7.43
CA ILE A 157 -1.61 -5.81 -6.69
C ILE A 157 -2.56 -6.74 -7.46
N VAL A 158 -3.53 -6.15 -8.17
CA VAL A 158 -4.54 -6.89 -8.93
C VAL A 158 -4.53 -6.40 -10.38
N PRO A 159 -4.63 -7.32 -11.36
CA PRO A 159 -4.59 -6.93 -12.77
C PRO A 159 -5.87 -6.23 -13.25
N PHE A 160 -5.74 -5.45 -14.32
CA PHE A 160 -6.84 -4.58 -14.78
C PHE A 160 -8.14 -5.34 -15.01
N ASP A 161 -8.03 -6.52 -15.61
CA ASP A 161 -9.22 -7.33 -15.91
C ASP A 161 -9.94 -7.77 -14.63
N ARG A 162 -9.19 -7.90 -13.54
CA ARG A 162 -9.78 -8.29 -12.26
C ARG A 162 -10.30 -7.10 -11.46
N ILE A 163 -9.83 -5.89 -11.76
CA ILE A 163 -10.50 -4.69 -11.24
C ILE A 163 -11.90 -4.62 -11.85
N ARG A 164 -12.01 -5.01 -13.11
CA ARG A 164 -13.30 -5.02 -13.81
C ARG A 164 -14.18 -6.20 -13.38
N ASP A 165 -13.60 -7.41 -13.41
CA ASP A 165 -14.38 -8.65 -13.25
C ASP A 165 -14.45 -9.16 -11.80
N GLY A 166 -13.52 -8.72 -10.96
CA GLY A 166 -13.46 -9.17 -9.58
C GLY A 166 -12.41 -10.24 -9.31
N VAL A 167 -12.09 -10.39 -8.03
CA VAL A 167 -11.05 -11.29 -7.54
C VAL A 167 -11.72 -12.36 -6.67
N HIS A 168 -11.16 -13.57 -6.70
CA HIS A 168 -11.68 -14.70 -5.93
C HIS A 168 -10.86 -14.89 -4.66
N ALA A 169 -11.45 -14.52 -3.54
CA ALA A 169 -10.75 -14.49 -2.26
C ALA A 169 -10.80 -15.83 -1.53
N MET A 170 -9.94 -15.96 -0.53
CA MET A 170 -9.86 -17.14 0.32
C MET A 170 -9.67 -16.68 1.74
N VAL A 171 -10.43 -17.27 2.68
CA VAL A 171 -10.20 -17.04 4.10
C VAL A 171 -9.08 -17.96 4.55
N ALA A 172 -7.94 -17.38 4.96
CA ALA A 172 -6.79 -18.16 5.40
C ALA A 172 -7.13 -18.88 6.71
N GLN A 173 -6.80 -20.16 6.79
CA GLN A 173 -6.96 -20.92 8.03
C GLN A 173 -5.66 -21.46 8.59
N SER A 174 -4.56 -21.34 7.84
CA SER A 174 -3.26 -21.83 8.30
C SER A 174 -2.49 -20.80 9.15
N VAL A 175 -3.00 -19.57 9.16
CA VAL A 175 -2.41 -18.46 9.90
C VAL A 175 -3.51 -17.59 10.43
N ARG A 176 -3.18 -16.79 11.43
CA ARG A 176 -4.01 -15.71 11.88
C ARG A 176 -3.16 -14.46 11.80
N ARG A 177 -3.80 -13.31 11.63
CA ARG A 177 -3.03 -12.07 11.62
C ARG A 177 -2.27 -11.94 12.94
N THR A 178 -1.00 -11.54 12.88
CA THR A 178 -0.23 -11.39 14.11
C THR A 178 -0.95 -10.53 15.13
N PRO A 179 -1.14 -11.05 16.38
CA PRO A 179 -1.85 -10.27 17.40
C PRO A 179 -1.15 -8.99 17.80
N ARG A 180 -1.93 -7.97 18.12
CA ARG A 180 -1.40 -6.69 18.60
C ARG A 180 -0.47 -6.88 19.79
N SER A 181 -0.74 -7.89 20.61
CA SER A 181 0.08 -8.21 21.77
C SER A 181 1.47 -8.82 21.44
N SER A 182 1.78 -8.98 20.15
CA SER A 182 3.11 -9.35 19.69
C SER A 182 3.66 -8.28 18.76
N ILE A 183 2.94 -8.01 17.67
CA ILE A 183 3.31 -6.97 16.70
C ILE A 183 2.06 -6.22 16.31
N ASP A 184 2.07 -4.90 16.46
CA ASP A 184 0.85 -4.10 16.28
C ASP A 184 0.52 -3.94 14.79
N PRO A 185 -0.61 -4.50 14.32
CA PRO A 185 -0.92 -4.39 12.89
C PRO A 185 -1.35 -3.00 12.45
N GLN A 186 -1.55 -2.07 13.41
CA GLN A 186 -1.89 -0.71 13.07
C GLN A 186 -0.64 0.15 12.93
N VAL A 187 0.54 -0.47 13.01
CA VAL A 187 1.79 0.19 12.69
C VAL A 187 2.34 -0.50 11.46
N LYS A 188 2.48 0.23 10.36
CA LYS A 188 2.88 -0.39 9.10
C LYS A 188 4.31 -0.91 9.23
N ASN A 189 4.52 -2.16 8.84
CA ASN A 189 5.79 -2.82 9.11
C ASN A 189 6.13 -3.85 8.04
N PHE A 190 7.39 -4.29 8.04
CA PHE A 190 7.89 -5.22 7.06
C PHE A 190 7.85 -6.65 7.58
N GLN A 191 7.24 -6.86 8.74
CA GLN A 191 7.25 -8.19 9.36
C GLN A 191 6.08 -9.00 8.83
N TRP A 192 6.26 -9.50 7.61
CA TRP A 192 5.18 -10.12 6.84
C TRP A 192 5.07 -11.66 6.95
N GLY A 193 5.62 -12.23 8.03
CA GLY A 193 5.69 -13.68 8.13
C GLY A 193 4.32 -14.31 8.02
N ASP A 194 3.36 -13.72 8.72
CA ASP A 194 1.97 -14.20 8.63
C ASP A 194 1.33 -13.99 7.26
N LEU A 195 1.47 -12.79 6.73
CA LEU A 195 0.89 -12.42 5.44
C LEU A 195 1.45 -13.27 4.31
N ILE A 196 2.74 -13.55 4.36
CA ILE A 196 3.38 -14.42 3.34
C ILE A 196 2.90 -15.86 3.45
N ARG A 197 2.72 -16.37 4.67
CA ARG A 197 2.13 -17.70 4.83
C ARG A 197 0.72 -17.72 4.27
N ALA A 198 -0.02 -16.63 4.44
CA ALA A 198 -1.37 -16.53 3.85
C ALA A 198 -1.31 -16.55 2.32
N VAL A 199 -0.34 -15.87 1.72
CA VAL A 199 -0.18 -15.89 0.28
C VAL A 199 0.19 -17.31 -0.18
N GLN A 200 1.07 -17.95 0.56
CA GLN A 200 1.45 -19.33 0.23
C GLN A 200 0.27 -20.27 0.31
N GLU A 201 -0.58 -20.09 1.32
CA GLU A 201 -1.81 -20.89 1.44
C GLU A 201 -2.78 -20.63 0.29
N THR A 202 -2.84 -19.37 -0.14
CA THR A 202 -3.70 -19.01 -1.27
C THR A 202 -3.30 -19.81 -2.49
N HIS A 203 -2.00 -19.88 -2.74
CA HIS A 203 -1.47 -20.69 -3.82
C HIS A 203 -1.76 -22.18 -3.61
N ASP A 204 -1.56 -22.68 -2.39
CA ASP A 204 -1.78 -24.08 -2.08
C ASP A 204 -3.21 -24.52 -2.36
N ARG A 205 -4.17 -23.63 -2.09
CA ARG A 205 -5.60 -23.95 -2.21
C ARG A 205 -6.23 -23.46 -3.51
N GLY A 206 -5.45 -22.78 -4.36
CA GLY A 206 -5.93 -22.42 -5.69
C GLY A 206 -6.80 -21.20 -5.81
N PHE A 207 -6.63 -20.25 -4.88
CA PHE A 207 -7.38 -18.99 -4.92
C PHE A 207 -6.48 -17.85 -5.34
N GLU A 208 -7.01 -16.63 -5.35
CA GLU A 208 -6.28 -15.48 -5.89
C GLU A 208 -5.75 -14.50 -4.84
N ALA A 209 -6.45 -14.36 -3.72
CA ALA A 209 -6.00 -13.44 -2.66
C ALA A 209 -6.47 -13.93 -1.30
N PRO A 210 -5.65 -13.74 -0.24
CA PRO A 210 -6.06 -14.17 1.10
C PRO A 210 -6.71 -13.06 1.92
N LEU A 211 -7.68 -13.47 2.73
CA LEU A 211 -8.25 -12.64 3.79
C LEU A 211 -7.94 -13.34 5.10
N LEU A 212 -7.25 -12.65 6.00
CA LEU A 212 -6.89 -13.25 7.28
C LEU A 212 -7.92 -12.89 8.32
N LEU A 213 -7.99 -13.75 9.34
CA LEU A 213 -8.77 -13.52 10.53
C LEU A 213 -7.85 -13.16 11.69
N ASP A 214 -8.40 -12.45 12.68
CA ASP A 214 -7.69 -12.13 13.90
C ASP A 214 -7.83 -13.25 14.99
N GLY A 215 -7.23 -13.03 16.15
CA GLY A 215 -7.18 -14.06 17.20
C GLY A 215 -8.54 -14.41 17.76
N ASP A 216 -9.51 -13.51 17.57
CA ASP A 216 -10.89 -13.74 17.96
C ASP A 216 -11.72 -14.36 16.84
N GLY A 217 -11.11 -14.69 15.71
CA GLY A 217 -11.82 -15.27 14.58
C GLY A 217 -12.60 -14.29 13.71
N LEU A 218 -12.37 -13.00 13.91
CA LEU A 218 -13.05 -11.96 13.15
C LEU A 218 -12.19 -11.51 11.98
N LEU A 219 -12.82 -10.88 10.99
CA LEU A 219 -12.12 -10.46 9.78
C LEU A 219 -11.04 -9.46 10.13
N ALA A 220 -9.86 -9.63 9.52
CA ALA A 220 -8.73 -8.75 9.79
C ALA A 220 -8.41 -7.94 8.54
N GLU A 221 -7.48 -8.42 7.72
CA GLU A 221 -7.12 -7.74 6.49
C GLU A 221 -6.42 -8.75 5.58
N GLY A 222 -6.00 -8.29 4.42
CA GLY A 222 -5.25 -9.13 3.47
C GLY A 222 -3.75 -8.87 3.46
N SER A 223 -3.07 -9.51 2.51
CA SER A 223 -1.63 -9.39 2.34
C SER A 223 -1.28 -8.05 1.69
N GLY A 224 -1.28 -7.01 2.50
CA GLY A 224 -0.98 -5.67 2.04
C GLY A 224 -2.18 -4.89 1.57
N PHE A 225 -3.38 -5.25 2.01
CA PHE A 225 -4.58 -4.52 1.61
C PHE A 225 -5.64 -4.67 2.68
N ASN A 226 -6.57 -3.72 2.72
CA ASN A 226 -7.73 -3.79 3.60
C ASN A 226 -8.92 -4.40 2.88
N VAL A 227 -9.89 -4.93 3.63
CA VAL A 227 -11.08 -5.50 3.06
C VAL A 227 -12.27 -4.68 3.57
N VAL A 228 -13.27 -4.52 2.69
CA VAL A 228 -14.47 -3.73 3.00
C VAL A 228 -15.69 -4.56 2.61
N VAL A 229 -16.69 -4.57 3.48
CA VAL A 229 -17.88 -5.41 3.33
C VAL A 229 -19.10 -4.50 3.30
N ILE A 230 -19.99 -4.75 2.34
CA ILE A 230 -21.20 -3.92 2.16
C ILE A 230 -22.44 -4.80 2.28
N LYS A 231 -23.38 -4.36 3.10
CA LYS A 231 -24.62 -5.09 3.34
C LYS A 231 -25.75 -4.08 3.58
N ASP A 232 -26.79 -4.19 2.75
CA ASP A 232 -27.95 -3.30 2.82
C ASP A 232 -27.53 -1.81 2.83
N GLY A 233 -26.56 -1.49 1.98
CA GLY A 233 -26.11 -0.11 1.80
C GLY A 233 -25.24 0.42 2.92
N VAL A 234 -24.88 -0.43 3.88
CA VAL A 234 -23.97 -0.07 4.97
C VAL A 234 -22.59 -0.60 4.64
N VAL A 235 -21.60 0.28 4.67
CA VAL A 235 -20.21 -0.03 4.28
C VAL A 235 -19.37 -0.18 5.54
N ARG A 236 -18.78 -1.35 5.74
CA ARG A 236 -18.01 -1.60 6.94
C ARG A 236 -16.65 -2.16 6.62
N SER A 237 -15.70 -1.90 7.50
CA SER A 237 -14.34 -2.41 7.35
C SER A 237 -13.75 -2.71 8.74
N PRO A 238 -12.95 -3.80 8.87
CA PRO A 238 -12.38 -4.14 10.18
C PRO A 238 -11.63 -3.01 10.86
N GLY A 239 -12.00 -2.70 12.08
CA GLY A 239 -11.32 -1.67 12.85
C GLY A 239 -10.10 -2.12 13.63
N ARG A 240 -10.03 -3.40 14.03
CA ARG A 240 -8.99 -3.90 14.95
C ARG A 240 -7.73 -4.38 14.22
N ALA A 241 -7.78 -5.58 13.63
CA ALA A 241 -6.56 -6.24 13.12
C ALA A 241 -6.31 -5.85 11.68
N ALA A 242 -6.07 -4.56 11.45
CA ALA A 242 -6.03 -4.01 10.10
C ALA A 242 -5.23 -2.72 10.15
N LEU A 243 -4.33 -2.51 9.21
CA LEU A 243 -3.69 -1.21 9.09
C LEU A 243 -4.75 -0.16 8.80
N PRO A 244 -4.65 1.02 9.44
CA PRO A 244 -5.51 2.15 9.04
C PRO A 244 -5.05 2.70 7.68
N GLY A 245 -5.53 2.03 6.64
CA GLY A 245 -5.18 2.32 5.28
C GLY A 245 -5.66 3.68 4.85
N ILE A 246 -4.84 4.35 4.05
CA ILE A 246 -5.23 5.64 3.47
C ILE A 246 -6.18 5.43 2.30
N THR A 247 -6.08 4.28 1.64
CA THR A 247 -7.06 3.92 0.62
C THR A 247 -8.40 3.64 1.31
N ARG A 248 -8.35 2.86 2.37
CA ARG A 248 -9.53 2.58 3.16
C ARG A 248 -10.22 3.89 3.59
N LYS A 249 -9.42 4.82 4.09
CA LYS A 249 -9.93 6.12 4.52
C LYS A 249 -10.68 6.80 3.39
N THR A 250 -10.07 6.78 2.22
CA THR A 250 -10.68 7.36 1.02
C THR A 250 -11.97 6.62 0.66
N VAL A 251 -11.93 5.30 0.68
CA VAL A 251 -13.11 4.47 0.35
C VAL A 251 -14.29 4.81 1.27
N LEU A 252 -14.05 4.98 2.56
CA LEU A 252 -15.13 5.27 3.49
C LEU A 252 -15.63 6.70 3.28
N GLU A 253 -14.72 7.63 3.03
CA GLU A 253 -15.14 8.99 2.64
C GLU A 253 -16.02 8.96 1.38
N ILE A 254 -15.64 8.18 0.39
CA ILE A 254 -16.43 8.06 -0.85
C ILE A 254 -17.80 7.48 -0.55
N ALA A 255 -17.82 6.42 0.25
CA ALA A 255 -19.07 5.77 0.61
C ALA A 255 -20.03 6.79 1.23
N GLU A 256 -19.53 7.60 2.16
CA GLU A 256 -20.37 8.61 2.80
C GLU A 256 -20.85 9.68 1.82
N SER A 257 -20.00 10.08 0.89
CA SER A 257 -20.40 11.10 -0.10
C SER A 257 -21.49 10.57 -1.02
N LEU A 258 -21.47 9.26 -1.27
CA LEU A 258 -22.52 8.59 -2.04
C LEU A 258 -23.77 8.30 -1.20
N GLY A 259 -23.76 8.69 0.07
CA GLY A 259 -24.95 8.58 0.93
C GLY A 259 -25.04 7.33 1.78
N HIS A 260 -23.95 6.58 1.86
CA HIS A 260 -23.93 5.33 2.61
C HIS A 260 -23.27 5.52 3.98
N GLU A 261 -23.82 4.85 4.99
CA GLU A 261 -23.20 4.78 6.29
C GLU A 261 -21.90 3.99 6.12
N ALA A 262 -20.79 4.54 6.62
CA ALA A 262 -19.48 3.93 6.44
C ALA A 262 -18.78 3.92 7.78
N ILE A 263 -18.49 2.74 8.30
CA ILE A 263 -17.90 2.64 9.63
C ILE A 263 -16.86 1.54 9.73
N LEU A 264 -15.98 1.70 10.71
CA LEU A 264 -15.07 0.64 11.12
C LEU A 264 -15.81 -0.20 12.14
N ALA A 265 -15.66 -1.52 12.04
CA ALA A 265 -16.44 -2.43 12.86
C ALA A 265 -15.86 -3.82 12.89
N ASP A 266 -16.36 -4.64 13.79
CA ASP A 266 -16.01 -6.04 13.79
C ASP A 266 -16.95 -6.76 12.85
N ILE A 267 -16.36 -7.56 11.96
CA ILE A 267 -17.10 -8.27 10.92
C ILE A 267 -16.88 -9.77 11.09
N THR A 268 -17.96 -10.52 11.22
CA THR A 268 -17.83 -11.95 11.37
C THR A 268 -17.67 -12.60 10.02
N LEU A 269 -17.17 -13.84 10.05
CA LEU A 269 -17.08 -14.66 8.85
C LEU A 269 -18.46 -14.86 8.18
N ALA A 270 -19.50 -15.10 8.99
CA ALA A 270 -20.86 -15.20 8.46
C ALA A 270 -21.28 -13.95 7.72
N GLU A 271 -20.94 -12.79 8.27
CA GLU A 271 -21.28 -11.52 7.63
C GLU A 271 -20.49 -11.32 6.34
N LEU A 272 -19.23 -11.73 6.32
CA LEU A 272 -18.44 -11.67 5.09
C LEU A 272 -19.12 -12.48 3.98
N LEU A 273 -19.47 -13.73 4.27
CA LEU A 273 -20.07 -14.64 3.28
C LEU A 273 -21.45 -14.19 2.80
N ASP A 274 -22.21 -13.55 3.69
CA ASP A 274 -23.55 -13.07 3.38
C ASP A 274 -23.59 -11.64 2.85
N ALA A 275 -22.43 -11.03 2.59
CA ALA A 275 -22.40 -9.64 2.18
C ALA A 275 -23.06 -9.43 0.82
N ASP A 276 -23.57 -8.23 0.58
CA ASP A 276 -24.03 -7.86 -0.76
C ASP A 276 -22.85 -7.64 -1.68
N GLU A 277 -21.81 -7.03 -1.14
CA GLU A 277 -20.60 -6.73 -1.90
C GLU A 277 -19.41 -6.83 -0.97
N VAL A 278 -18.24 -7.13 -1.55
CA VAL A 278 -16.98 -7.13 -0.81
C VAL A 278 -15.93 -6.52 -1.75
N LEU A 279 -15.04 -5.70 -1.21
CA LEU A 279 -13.97 -5.11 -2.01
C LEU A 279 -12.66 -5.10 -1.24
N GLY A 280 -11.58 -4.87 -1.98
CA GLY A 280 -10.26 -4.74 -1.37
C GLY A 280 -9.66 -3.40 -1.75
N CYS A 281 -8.77 -2.89 -0.91
CA CYS A 281 -8.16 -1.62 -1.24
C CYS A 281 -6.75 -1.45 -0.68
N THR A 282 -5.91 -0.76 -1.44
CA THR A 282 -4.54 -0.52 -1.03
C THR A 282 -3.92 0.52 -1.97
N THR A 283 -2.86 1.19 -1.51
CA THR A 283 -2.18 2.17 -2.36
C THR A 283 -1.67 1.54 -3.66
N ALA A 284 -1.12 0.32 -3.57
CA ALA A 284 -0.53 -0.34 -4.74
C ALA A 284 -1.55 -1.10 -5.57
N GLY A 285 -2.45 -0.36 -6.22
CA GLY A 285 -3.51 -0.98 -7.02
C GLY A 285 -4.88 -0.36 -6.90
N GLY A 286 -5.11 0.41 -5.83
CA GLY A 286 -6.36 1.13 -5.67
C GLY A 286 -7.45 0.30 -5.03
N VAL A 287 -8.56 0.12 -5.75
CA VAL A 287 -9.75 -0.56 -5.22
C VAL A 287 -10.21 -1.61 -6.23
N TRP A 288 -10.66 -2.77 -5.75
CA TRP A 288 -11.16 -3.81 -6.65
C TRP A 288 -12.21 -4.67 -5.94
N PRO A 289 -13.04 -5.37 -6.73
CA PRO A 289 -14.06 -6.23 -6.16
C PRO A 289 -13.55 -7.61 -5.77
N PHE A 290 -14.11 -8.14 -4.69
CA PHE A 290 -13.99 -9.55 -4.34
C PHE A 290 -15.33 -10.21 -4.64
N VAL A 291 -15.38 -11.07 -5.66
CA VAL A 291 -16.67 -11.62 -6.12
C VAL A 291 -16.99 -13.01 -5.55
N SER A 292 -16.01 -13.63 -4.88
CA SER A 292 -16.26 -14.89 -4.20
C SER A 292 -15.32 -15.01 -3.03
N VAL A 293 -15.71 -15.86 -2.09
CA VAL A 293 -14.88 -16.19 -0.94
C VAL A 293 -14.93 -17.70 -0.77
N ASP A 294 -13.77 -18.35 -0.80
CA ASP A 294 -13.65 -19.80 -0.70
C ASP A 294 -14.53 -20.52 -1.74
N GLY A 295 -14.64 -19.95 -2.92
CA GLY A 295 -15.47 -20.53 -3.99
C GLY A 295 -16.96 -20.33 -3.81
N ASN A 296 -17.39 -19.57 -2.80
CA ASN A 296 -18.80 -19.21 -2.64
C ASN A 296 -18.99 -17.83 -3.24
N PRO A 297 -19.91 -17.69 -4.21
CA PRO A 297 -20.14 -16.36 -4.77
C PRO A 297 -20.60 -15.36 -3.71
N ILE A 298 -20.15 -14.11 -3.84
CA ILE A 298 -20.71 -13.01 -3.06
C ILE A 298 -21.87 -12.49 -3.88
N SER A 299 -23.08 -12.56 -3.29
CA SER A 299 -24.30 -12.18 -3.97
C SER A 299 -24.36 -12.96 -5.29
N ASP A 300 -24.41 -12.25 -6.41
CA ASP A 300 -24.55 -12.91 -7.73
C ASP A 300 -23.20 -13.17 -8.45
N GLY A 301 -22.09 -12.99 -7.73
CA GLY A 301 -20.77 -13.34 -8.25
C GLY A 301 -20.17 -12.33 -9.22
N VAL A 302 -20.79 -11.16 -9.35
CA VAL A 302 -20.26 -10.08 -10.17
C VAL A 302 -20.10 -8.83 -9.31
N PRO A 303 -19.23 -7.90 -9.73
CA PRO A 303 -19.00 -6.71 -8.93
C PRO A 303 -20.29 -5.91 -8.71
N GLY A 304 -20.50 -5.47 -7.46
CA GLY A 304 -21.73 -4.81 -7.07
C GLY A 304 -21.73 -3.32 -7.39
N PRO A 305 -22.93 -2.70 -7.37
CA PRO A 305 -23.04 -1.30 -7.82
C PRO A 305 -22.26 -0.29 -6.97
N ILE A 306 -22.25 -0.48 -5.66
CA ILE A 306 -21.58 0.45 -4.75
C ILE A 306 -20.06 0.34 -4.96
N THR A 307 -19.56 -0.89 -5.04
CA THR A 307 -18.14 -1.13 -5.34
C THR A 307 -17.73 -0.42 -6.63
N GLN A 308 -18.50 -0.59 -7.70
CA GLN A 308 -18.15 0.03 -8.97
C GLN A 308 -18.17 1.55 -8.85
N SER A 309 -19.14 2.08 -8.11
CA SER A 309 -19.21 3.52 -7.90
C SER A 309 -17.98 4.02 -7.12
N ILE A 310 -17.56 3.24 -6.12
CA ILE A 310 -16.40 3.62 -5.32
C ILE A 310 -15.11 3.55 -6.13
N ILE A 311 -14.95 2.51 -6.95
CA ILE A 311 -13.76 2.38 -7.77
C ILE A 311 -13.66 3.57 -8.74
N ARG A 312 -14.76 3.87 -9.42
CA ARG A 312 -14.76 4.97 -10.40
C ARG A 312 -14.43 6.30 -9.70
N ARG A 313 -15.09 6.53 -8.56
CA ARG A 313 -14.88 7.75 -7.80
C ARG A 313 -13.45 7.88 -7.25
N TYR A 314 -12.86 6.77 -6.83
CA TYR A 314 -11.47 6.77 -6.35
C TYR A 314 -10.55 7.28 -7.45
N TRP A 315 -10.74 6.73 -8.66
CA TRP A 315 -9.91 7.12 -9.78
C TRP A 315 -10.19 8.52 -10.29
N GLU A 316 -11.41 9.00 -10.10
CA GLU A 316 -11.73 10.41 -10.37
C GLU A 316 -10.98 11.35 -9.44
N LEU A 317 -10.93 10.98 -8.16
CA LEU A 317 -10.23 11.77 -7.15
C LEU A 317 -8.71 11.78 -7.39
N ASN A 318 -8.20 10.77 -8.08
CA ASN A 318 -6.79 10.76 -8.47
C ASN A 318 -6.42 11.78 -9.54
N VAL A 319 -7.43 12.26 -10.27
CA VAL A 319 -7.20 13.21 -11.37
C VAL A 319 -7.65 14.61 -11.01
N GLU A 320 -8.77 14.69 -10.30
CA GLU A 320 -9.27 15.99 -9.89
C GLU A 320 -9.61 15.98 -8.42
N SER A 321 -8.74 16.63 -7.64
CA SER A 321 -8.98 16.85 -6.23
C SER A 321 -7.99 17.89 -5.69
N SER A 322 -8.52 19.01 -5.21
CA SER A 322 -7.69 20.06 -4.64
C SER A 322 -6.98 19.57 -3.39
N SER A 323 -7.74 19.03 -2.45
CA SER A 323 -7.21 18.71 -1.13
C SER A 323 -6.29 17.49 -1.13
N LEU A 324 -6.52 16.53 -2.02
CA LEU A 324 -5.83 15.25 -1.97
C LEU A 324 -4.56 15.16 -2.83
N LEU A 325 -4.37 16.08 -3.78
CA LEU A 325 -3.26 15.99 -4.74
C LEU A 325 -2.15 17.02 -4.48
N THR A 326 -0.90 16.55 -4.51
CA THR A 326 0.29 17.40 -4.43
C THR A 326 1.15 17.24 -5.69
N PRO A 327 1.33 18.32 -6.46
CA PRO A 327 2.04 18.17 -7.73
C PRO A 327 3.53 17.96 -7.58
N VAL A 328 4.08 17.06 -8.39
CA VAL A 328 5.51 16.86 -8.44
C VAL A 328 6.08 17.94 -9.37
N GLN A 329 7.20 18.53 -8.98
CA GLN A 329 7.84 19.60 -9.75
C GLN A 329 8.89 19.02 -10.68
N TYR A 330 8.44 18.49 -11.81
CA TYR A 330 9.34 17.81 -12.77
C TYR A 330 10.32 18.79 -13.41
N1 PLP B . -2.79 -3.66 5.02
C2 PLP B . -1.48 -3.87 5.25
C2A PLP B . -0.98 -5.05 6.03
C3 PLP B . -0.50 -2.93 4.72
O3 PLP B . 0.82 -3.09 4.98
C4 PLP B . -1.04 -1.80 3.98
C4A PLP B . -0.09 -0.81 3.43
C5 PLP B . -2.49 -1.65 3.77
C6 PLP B . -3.32 -2.63 4.32
C5A PLP B . -3.09 -0.52 2.95
O4P PLP B . -2.74 0.79 3.39
P PLP B . -2.80 2.01 2.35
O1P PLP B . -1.78 1.63 1.28
O2P PLP B . -4.17 2.03 1.75
O3P PLP B . -2.43 3.12 3.25
C1 GOL C . 2.80 -1.34 1.06
O1 GOL C . 1.77 -0.40 0.70
C2 GOL C . 3.05 -2.32 -0.09
O2 GOL C . 1.78 -2.78 -0.58
C3 GOL C . 3.89 -3.53 0.32
O3 GOL C . 4.87 -3.24 1.33
#